data_5O0A
#
_entry.id   5O0A
#
_cell.length_a   76.244
_cell.length_b   125.247
_cell.length_c   119.128
_cell.angle_alpha   90.000
_cell.angle_beta   90.000
_cell.angle_gamma   90.000
#
_symmetry.space_group_name_H-M   'C 2 2 21'
#
loop_
_entity.id
_entity.type
_entity.pdbx_description
1 polymer 'Phosphopantetheine adenylyltransferase'
2 non-polymer '5-methyl-1-phenyl-pyrazole-4-carboxylic acid'
3 water water
#
_entity_poly.entity_id   1
_entity_poly.type   'polypeptide(L)'
_entity_poly.pdbx_seq_one_letter_code
;SMTGAVCPGSFDPVTLGHLDVFERAAAQFDEVIVAVLINPNKAGMFTVDERIEMIRESTADLPNLRVESGQGLLVDFVRE
RGLNAIVKGLRTGTDFEYELQMAQMNKHIAGVDTFFVATAPAYSFVSSSLAKEVATYGGDVSALLPASVHQRLLGKLRGQ
AQ
;
_entity_poly.pdbx_strand_id   A,B,C
#
# COMPACT_ATOMS: atom_id res chain seq x y z
N MET A 2 37.08 5.31 -11.04
CA MET A 2 36.14 6.40 -10.75
C MET A 2 34.70 5.91 -10.64
N THR A 3 34.49 4.84 -9.87
CA THR A 3 33.15 4.28 -9.73
C THR A 3 32.34 5.14 -8.77
N GLY A 4 31.01 5.05 -8.84
CA GLY A 4 30.19 5.86 -7.96
C GLY A 4 28.73 5.46 -7.93
N ALA A 5 28.05 5.79 -6.84
CA ALA A 5 26.64 5.50 -6.72
C ALA A 5 25.90 6.61 -6.01
N VAL A 6 24.61 6.71 -6.32
CA VAL A 6 23.71 7.65 -5.64
C VAL A 6 22.77 6.90 -4.68
N CYS A 7 22.69 7.36 -3.43
CA CYS A 7 21.75 6.81 -2.44
C CYS A 7 20.61 7.81 -2.20
N PRO A 8 19.44 7.56 -2.83
CA PRO A 8 18.32 8.51 -2.81
C PRO A 8 17.32 8.24 -1.70
N GLY A 9 16.63 9.30 -1.30
CA GLY A 9 15.57 9.15 -0.30
C GLY A 9 15.02 10.51 0.04
N SER A 10 13.95 10.52 0.84
CA SER A 10 13.42 11.78 1.36
C SER A 10 14.14 12.11 2.66
N PHE A 11 14.62 11.07 3.35
CA PHE A 11 15.38 11.20 4.60
C PHE A 11 14.77 12.25 5.55
N ASP A 12 13.52 11.99 5.93
CA ASP A 12 12.75 12.95 6.73
C ASP A 12 12.20 12.29 8.00
N PRO A 13 13.08 11.91 8.94
CA PRO A 13 14.53 12.08 8.98
C PRO A 13 15.29 10.84 8.55
N VAL A 14 16.59 11.02 8.34
CA VAL A 14 17.47 9.89 8.13
C VAL A 14 17.39 8.93 9.34
N THR A 15 17.45 7.63 9.08
CA THR A 15 17.44 6.64 10.16
C THR A 15 18.74 5.86 10.22
N LEU A 16 18.90 5.04 11.27
CA LEU A 16 20.05 4.15 11.36
C LEU A 16 20.07 3.14 10.22
N GLY A 17 18.90 2.80 9.69
CA GLY A 17 18.82 1.88 8.57
C GLY A 17 19.40 2.54 7.31
N HIS A 18 19.07 3.80 7.10
CA HIS A 18 19.67 4.56 5.99
C HIS A 18 21.18 4.66 6.13
N LEU A 19 21.64 4.99 7.33
CA LEU A 19 23.07 5.17 7.57
C LEU A 19 23.85 3.89 7.31
N ASP A 20 23.27 2.75 7.68
CA ASP A 20 23.87 1.46 7.38
C ASP A 20 24.07 1.30 5.87
N VAL A 21 23.05 1.64 5.10
CA VAL A 21 23.14 1.59 3.64
C VAL A 21 24.23 2.54 3.12
N PHE A 22 24.27 3.76 3.63
CA PHE A 22 25.33 4.71 3.20
C PHE A 22 26.72 4.12 3.41
N GLU A 23 26.95 3.55 4.58
CA GLU A 23 28.26 2.98 4.91
C GLU A 23 28.64 1.84 4.00
N ARG A 24 27.68 0.98 3.72
CA ARG A 24 27.92 -0.16 2.85
C ARG A 24 28.17 0.29 1.42
N ALA A 25 27.43 1.29 0.95
CA ALA A 25 27.71 1.84 -0.38
C ALA A 25 29.08 2.50 -0.42
N ALA A 26 29.42 3.25 0.62
CA ALA A 26 30.68 3.99 0.64
C ALA A 26 31.87 3.03 0.66
N ALA A 27 31.64 1.83 1.16
CA ALA A 27 32.70 0.83 1.25
C ALA A 27 32.94 0.15 -0.08
N GLN A 28 31.96 0.22 -0.98
CA GLN A 28 32.05 -0.54 -2.22
C GLN A 28 32.16 0.30 -3.51
N PHE A 29 31.97 1.61 -3.39
CA PHE A 29 32.07 2.53 -4.55
C PHE A 29 33.06 3.66 -4.23
N ASP A 30 33.77 4.18 -5.25
CA ASP A 30 34.77 5.20 -4.97
C ASP A 30 34.14 6.47 -4.40
N GLU A 31 32.95 6.83 -4.89
CA GLU A 31 32.26 7.99 -4.34
C GLU A 31 30.78 7.69 -4.18
N VAL A 32 30.18 8.24 -3.13
CA VAL A 32 28.75 8.10 -2.91
C VAL A 32 28.15 9.47 -2.76
N ILE A 33 27.02 9.70 -3.44
CA ILE A 33 26.25 10.91 -3.20
C ILE A 33 24.90 10.55 -2.60
N VAL A 34 24.63 11.10 -1.44
CA VAL A 34 23.30 10.94 -0.84
C VAL A 34 22.44 12.01 -1.47
N ALA A 35 21.36 11.60 -2.12
CA ALA A 35 20.45 12.52 -2.78
C ALA A 35 19.19 12.72 -1.96
N VAL A 36 19.05 13.91 -1.39
CA VAL A 36 17.86 14.26 -0.61
C VAL A 36 16.81 14.80 -1.58
N LEU A 37 15.84 13.96 -1.90
CA LEU A 37 14.84 14.28 -2.91
C LEU A 37 13.65 14.98 -2.25
N ILE A 38 13.42 16.21 -2.68
CA ILE A 38 12.40 17.09 -2.10
C ILE A 38 11.18 17.17 -3.01
N ASN A 39 10.00 17.07 -2.42
CA ASN A 39 8.76 17.34 -3.14
C ASN A 39 8.42 18.79 -2.92
N PRO A 40 8.55 19.62 -3.97
CA PRO A 40 8.33 21.06 -3.84
C PRO A 40 6.87 21.39 -3.49
N ASN A 41 6.00 20.39 -3.53
CA ASN A 41 4.58 20.57 -3.27
C ASN A 41 4.13 20.09 -1.87
N LYS A 42 4.95 19.31 -1.20
CA LYS A 42 4.61 18.94 0.18
C LYS A 42 5.84 18.98 1.08
N ALA A 43 5.79 19.86 2.08
CA ALA A 43 6.86 19.92 3.06
C ALA A 43 6.77 18.68 3.93
N GLY A 44 7.92 18.20 4.38
CA GLY A 44 7.90 17.12 5.33
C GLY A 44 7.99 17.71 6.70
N MET A 45 8.53 16.94 7.63
CA MET A 45 8.75 17.42 8.98
C MET A 45 9.96 18.35 9.04
N PHE A 46 11.01 17.98 8.32
CA PHE A 46 12.26 18.71 8.32
C PHE A 46 12.48 19.48 7.03
N THR A 47 13.07 20.66 7.13
CA THR A 47 13.46 21.42 5.94
C THR A 47 14.62 20.71 5.26
N VAL A 48 14.90 21.10 4.01
CA VAL A 48 16.00 20.50 3.27
CA VAL A 48 16.01 20.49 3.29
C VAL A 48 17.33 20.66 4.01
N ASP A 49 17.57 21.86 4.56
CA ASP A 49 18.85 22.08 5.21
C ASP A 49 18.96 21.27 6.49
N GLU A 50 17.84 21.11 7.19
CA GLU A 50 17.85 20.26 8.38
C GLU A 50 18.13 18.80 8.01
N ARG A 51 17.49 18.30 6.97
CA ARG A 51 17.77 16.91 6.52
C ARG A 51 19.23 16.71 6.15
N ILE A 52 19.79 17.65 5.41
CA ILE A 52 21.18 17.55 5.00
C ILE A 52 22.12 17.57 6.20
N GLU A 53 21.87 18.50 7.13
CA GLU A 53 22.67 18.59 8.36
C GLU A 53 22.66 17.30 9.15
N MET A 54 21.47 16.73 9.33
CA MET A 54 21.37 15.49 10.12
C MET A 54 22.14 14.37 9.45
N ILE A 55 22.12 14.33 8.13
CA ILE A 55 22.88 13.30 7.42
C ILE A 55 24.39 13.57 7.52
N ARG A 56 24.81 14.81 7.30
CA ARG A 56 26.25 15.11 7.35
C ARG A 56 26.85 14.78 8.70
N GLU A 57 26.17 15.18 9.75
CA GLU A 57 26.67 14.94 11.11
C GLU A 57 26.87 13.46 11.45
N SER A 58 26.10 12.58 10.84
CA SER A 58 26.22 11.17 11.18
C SER A 58 27.01 10.39 10.14
N THR A 59 27.55 11.08 9.13
CA THR A 59 28.40 10.44 8.12
C THR A 59 29.79 11.05 8.06
N ALA A 60 30.21 11.73 9.13
CA ALA A 60 31.45 12.48 9.13
C ALA A 60 32.69 11.60 8.95
N ASP A 61 32.55 10.31 9.29
CA ASP A 61 33.64 9.35 9.17
C ASP A 61 33.68 8.64 7.81
N LEU A 62 32.86 9.10 6.87
CA LEU A 62 32.84 8.54 5.52
C LEU A 62 33.39 9.56 4.53
N PRO A 63 34.71 9.52 4.28
CA PRO A 63 35.35 10.58 3.51
C PRO A 63 34.95 10.65 2.04
N ASN A 64 34.41 9.57 1.49
CA ASN A 64 34.06 9.55 0.07
C ASN A 64 32.55 9.74 -0.16
N LEU A 65 31.86 10.24 0.85
CA LEU A 65 30.43 10.49 0.74
C LEU A 65 30.10 11.98 0.82
N ARG A 66 29.19 12.44 -0.03
CA ARG A 66 28.69 13.81 0.09
C ARG A 66 27.18 13.83 -0.04
N VAL A 67 26.59 14.95 0.39
CA VAL A 67 25.13 15.05 0.47
C VAL A 67 24.62 16.24 -0.37
N GLU A 68 23.70 15.98 -1.28
CA GLU A 68 23.09 17.03 -2.12
C GLU A 68 21.59 16.83 -2.25
N SER A 69 20.83 17.90 -2.35
CA SER A 69 19.39 17.77 -2.55
C SER A 69 19.06 17.88 -4.02
N GLY A 70 17.85 17.48 -4.38
CA GLY A 70 17.38 17.56 -5.74
C GLY A 70 15.89 17.32 -5.78
N GLN A 71 15.31 17.40 -6.97
CA GLN A 71 13.88 17.12 -7.16
C GLN A 71 13.71 16.66 -8.60
N GLY A 72 12.49 16.24 -8.96
CA GLY A 72 12.28 15.78 -10.32
C GLY A 72 12.76 14.34 -10.49
N LEU A 73 13.14 13.98 -11.71
CA LEU A 73 13.56 12.59 -11.97
C LEU A 73 14.90 12.26 -11.33
N LEU A 74 14.93 11.20 -10.53
CA LEU A 74 16.19 10.75 -9.96
C LEU A 74 17.26 10.44 -11.01
N VAL A 75 16.87 9.84 -12.14
CA VAL A 75 17.89 9.46 -13.14
C VAL A 75 18.62 10.69 -13.68
N ASP A 76 17.95 11.83 -13.74
CA ASP A 76 18.61 13.07 -14.16
C ASP A 76 19.66 13.52 -13.13
N PHE A 77 19.32 13.41 -11.86
CA PHE A 77 20.25 13.70 -10.78
C PHE A 77 21.50 12.84 -10.93
N VAL A 78 21.29 11.54 -11.14
CA VAL A 78 22.38 10.60 -11.29
C VAL A 78 23.27 10.91 -12.52
N ARG A 79 22.64 11.07 -13.67
CA ARG A 79 23.40 11.24 -14.92
C ARG A 79 24.15 12.58 -14.98
N GLU A 80 23.55 13.63 -14.42
CA GLU A 80 24.20 14.95 -14.47
C GLU A 80 25.47 14.97 -13.61
N ARG A 81 25.64 13.94 -12.79
CA ARG A 81 26.87 13.81 -12.03
C ARG A 81 27.84 12.80 -12.65
N GLY A 82 27.50 12.33 -13.84
CA GLY A 82 28.35 11.41 -14.58
C GLY A 82 28.33 10.00 -14.02
N LEU A 83 27.26 9.67 -13.30
CA LEU A 83 27.13 8.33 -12.74
C LEU A 83 25.97 7.59 -13.38
N ASN A 84 25.85 6.30 -13.09
CA ASN A 84 24.67 5.59 -13.59
C ASN A 84 24.33 4.39 -12.71
N ALA A 85 24.55 4.56 -11.40
CA ALA A 85 24.17 3.56 -10.38
C ALA A 85 23.44 4.21 -9.23
N ILE A 86 22.35 3.56 -8.81
CA ILE A 86 21.58 3.93 -7.63
C ILE A 86 21.76 2.79 -6.64
N VAL A 87 21.95 3.11 -5.36
CA VAL A 87 21.99 2.08 -4.31
C VAL A 87 20.91 2.35 -3.26
N LYS A 88 20.10 1.34 -2.97
CA LYS A 88 18.94 1.50 -2.09
C LYS A 88 18.82 0.29 -1.17
N GLY A 89 18.41 0.50 0.08
CA GLY A 89 18.20 -0.65 0.95
C GLY A 89 16.80 -1.25 0.75
N LEU A 90 16.66 -2.55 1.04
CA LEU A 90 15.34 -3.19 0.97
C LEU A 90 15.12 -3.98 2.23
N ARG A 91 13.89 -3.97 2.73
CA ARG A 91 13.54 -4.73 3.93
C ARG A 91 12.80 -6.04 3.63
N THR A 92 11.84 -5.99 2.69
CA THR A 92 10.95 -7.13 2.45
C THR A 92 10.79 -7.45 0.98
N GLY A 93 10.19 -8.60 0.69
CA GLY A 93 9.80 -8.96 -0.66
C GLY A 93 8.86 -7.91 -1.24
N THR A 94 7.99 -7.37 -0.39
CA THR A 94 7.08 -6.29 -0.81
C THR A 94 7.84 -5.03 -1.26
N ASP A 95 8.88 -4.65 -0.50
CA ASP A 95 9.76 -3.54 -0.92
C ASP A 95 10.32 -3.82 -2.29
N PHE A 96 10.79 -5.05 -2.50
CA PHE A 96 11.47 -5.37 -3.75
C PHE A 96 10.54 -5.27 -4.97
N GLU A 97 9.31 -5.74 -4.83
CA GLU A 97 8.34 -5.66 -5.94
C GLU A 97 8.03 -4.23 -6.36
N TYR A 98 7.84 -3.37 -5.37
CA TYR A 98 7.62 -1.95 -5.62
C TYR A 98 8.85 -1.29 -6.27
N GLU A 99 10.01 -1.49 -5.66
CA GLU A 99 11.24 -0.86 -6.13
C GLU A 99 11.68 -1.44 -7.46
N LEU A 100 11.33 -2.70 -7.71
CA LEU A 100 11.68 -3.32 -8.98
C LEU A 100 11.05 -2.55 -10.13
N GLN A 101 9.78 -2.17 -9.96
CA GLN A 101 9.09 -1.34 -10.96
C GLN A 101 9.89 -0.07 -11.28
N MET A 102 10.22 0.68 -10.24
CA MET A 102 10.95 1.94 -10.44
C MET A 102 12.35 1.69 -11.01
N ALA A 103 13.03 0.63 -10.57
CA ALA A 103 14.37 0.32 -11.09
C ALA A 103 14.33 -0.03 -12.57
N GLN A 104 13.34 -0.82 -12.97
CA GLN A 104 13.23 -1.19 -14.37
C GLN A 104 12.84 0.02 -15.22
N MET A 105 11.95 0.85 -14.69
CA MET A 105 11.59 2.11 -15.39
C MET A 105 12.83 3.00 -15.55
N ASN A 106 13.61 3.14 -14.49
CA ASN A 106 14.79 3.99 -14.52
C ASN A 106 15.84 3.50 -15.49
N LYS A 107 15.97 2.18 -15.59
CA LYS A 107 16.88 1.61 -16.55
C LYS A 107 16.36 1.82 -17.99
N HIS A 108 15.05 1.66 -18.16
CA HIS A 108 14.41 1.83 -19.46
C HIS A 108 14.61 3.24 -19.98
N ILE A 109 14.32 4.24 -19.15
CA ILE A 109 14.32 5.62 -19.67
C ILE A 109 15.71 6.26 -19.72
N ALA A 110 16.67 5.75 -18.95
CA ALA A 110 17.94 6.46 -18.83
C ALA A 110 19.17 5.55 -18.75
N GLY A 111 18.96 4.24 -18.72
CA GLY A 111 20.09 3.33 -18.67
C GLY A 111 20.76 3.30 -17.31
N VAL A 112 20.10 3.84 -16.30
CA VAL A 112 20.66 3.89 -14.97
C VAL A 112 20.30 2.61 -14.22
N ASP A 113 21.30 1.99 -13.60
CA ASP A 113 21.10 0.73 -12.89
CA ASP A 113 21.05 0.73 -12.89
C ASP A 113 20.82 0.96 -11.41
N THR A 114 20.23 -0.04 -10.76
CA THR A 114 19.93 0.06 -9.34
C THR A 114 20.44 -1.18 -8.63
N PHE A 115 21.20 -0.97 -7.57
CA PHE A 115 21.71 -2.07 -6.74
C PHE A 115 21.04 -2.01 -5.36
N PHE A 116 20.35 -3.08 -4.99
CA PHE A 116 19.69 -3.13 -3.68
C PHE A 116 20.53 -3.89 -2.65
N VAL A 117 20.49 -3.43 -1.40
CA VAL A 117 21.16 -4.17 -0.32
C VAL A 117 20.13 -4.51 0.74
N ALA A 118 20.29 -5.68 1.34
CA ALA A 118 19.40 -6.10 2.40
C ALA A 118 19.66 -5.28 3.67
N THR A 119 18.57 -4.79 4.28
CA THR A 119 18.65 -4.12 5.58
C THR A 119 19.49 -4.91 6.60
N ALA A 120 20.19 -4.21 7.50
CA ALA A 120 20.74 -4.88 8.68
C ALA A 120 19.56 -5.42 9.46
N PRO A 121 19.68 -6.64 10.00
CA PRO A 121 18.55 -7.23 10.75
C PRO A 121 17.97 -6.32 11.83
N ALA A 122 18.83 -5.63 12.57
CA ALA A 122 18.37 -4.78 13.67
C ALA A 122 17.42 -3.66 13.26
N TYR A 123 17.42 -3.28 11.97
CA TYR A 123 16.61 -2.15 11.50
C TYR A 123 15.49 -2.52 10.55
N SER A 124 15.18 -3.81 10.44
CA SER A 124 14.18 -4.24 9.48
C SER A 124 12.81 -3.56 9.70
N PHE A 125 12.56 -3.04 10.90
CA PHE A 125 11.26 -2.46 11.24
C PHE A 125 11.29 -0.94 11.35
N VAL A 126 12.45 -0.37 11.05
CA VAL A 126 12.62 1.07 11.14
C VAL A 126 12.17 1.73 9.85
N SER A 127 11.35 2.77 9.96
CA SER A 127 11.07 3.64 8.82
C SER A 127 10.94 5.07 9.33
N SER A 128 11.22 6.04 8.46
CA SER A 128 11.06 7.43 8.88
C SER A 128 9.64 7.70 9.34
N SER A 129 8.66 7.22 8.58
CA SER A 129 7.26 7.52 8.91
C SER A 129 6.86 6.87 10.25
N LEU A 130 7.27 5.63 10.47
CA LEU A 130 6.85 4.95 11.69
C LEU A 130 7.55 5.54 12.91
N ALA A 131 8.82 5.90 12.75
CA ALA A 131 9.53 6.56 13.84
C ALA A 131 8.88 7.91 14.19
N LYS A 132 8.51 8.70 13.18
CA LYS A 132 7.80 9.96 13.45
C LYS A 132 6.46 9.71 14.15
N GLU A 133 5.70 8.72 13.66
CA GLU A 133 4.38 8.44 14.23
C GLU A 133 4.47 7.99 15.68
N VAL A 134 5.39 7.08 15.96
CA VAL A 134 5.60 6.60 17.31
C VAL A 134 6.07 7.74 18.23
N ALA A 135 7.03 8.53 17.76
CA ALA A 135 7.52 9.65 18.57
C ALA A 135 6.42 10.68 18.83
N THR A 136 5.53 10.87 17.87
CA THR A 136 4.44 11.83 18.02
C THR A 136 3.59 11.50 19.24
N TYR A 137 3.41 10.21 19.49
CA TYR A 137 2.59 9.78 20.63
C TYR A 137 3.42 9.37 21.82
N GLY A 138 4.68 9.78 21.85
CA GLY A 138 5.49 9.63 23.04
C GLY A 138 6.40 8.41 23.14
N GLY A 139 6.38 7.52 22.15
CA GLY A 139 7.20 6.33 22.20
C GLY A 139 8.69 6.63 22.02
N ASP A 140 9.54 5.83 22.66
CA ASP A 140 10.99 6.06 22.58
C ASP A 140 11.66 5.42 21.36
N VAL A 141 12.09 6.25 20.41
CA VAL A 141 12.70 5.78 19.18
C VAL A 141 14.17 6.17 19.07
N SER A 142 14.79 6.44 20.22
CA SER A 142 16.19 6.88 20.26
C SER A 142 17.19 5.86 19.69
N ALA A 143 16.85 4.58 19.73
CA ALA A 143 17.80 3.56 19.32
C ALA A 143 17.68 3.28 17.82
N LEU A 144 16.81 4.01 17.14
CA LEU A 144 16.53 3.74 15.73
C LEU A 144 17.01 4.86 14.85
N LEU A 145 17.40 5.95 15.51
CA LEU A 145 17.83 7.16 14.83
C LEU A 145 19.21 7.54 15.31
N PRO A 146 20.01 8.16 14.43
CA PRO A 146 21.29 8.68 14.92
C PRO A 146 21.08 9.79 15.94
N ALA A 147 22.12 10.08 16.71
CA ALA A 147 22.05 11.15 17.69
C ALA A 147 21.79 12.49 17.01
N SER A 148 22.23 12.64 15.76
CA SER A 148 22.03 13.91 15.05
C SER A 148 20.55 14.21 14.84
N VAL A 149 19.72 13.18 14.98
CA VAL A 149 18.30 13.27 14.68
C VAL A 149 17.36 13.39 15.88
N HIS A 150 17.61 12.60 16.92
CA HIS A 150 16.56 12.30 17.90
C HIS A 150 16.04 13.55 18.65
N GLN A 151 16.93 14.34 19.22
CA GLN A 151 16.46 15.53 19.91
C GLN A 151 15.94 16.64 18.96
N ARG A 152 16.49 16.72 17.75
CA ARG A 152 15.88 17.59 16.72
C ARG A 152 14.44 17.18 16.47
N LEU A 153 14.20 15.87 16.43
CA LEU A 153 12.86 15.33 16.24
C LEU A 153 11.94 15.69 17.40
N LEU A 154 12.42 15.50 18.63
CA LEU A 154 11.55 15.83 19.77
C LEU A 154 11.26 17.34 19.77
N GLY A 155 12.25 18.14 19.41
CA GLY A 155 12.04 19.55 19.20
C GLY A 155 10.91 19.88 18.24
N LYS A 156 10.87 19.24 17.07
CA LYS A 156 9.80 19.48 16.10
C LYS A 156 8.44 19.15 16.68
N LEU A 157 8.35 18.06 17.43
CA LEU A 157 7.08 17.59 17.95
C LEU A 157 6.60 18.51 19.06
N ARG A 158 7.52 19.00 19.89
CA ARG A 158 7.16 19.92 20.97
C ARG A 158 6.73 21.28 20.42
N MET B 2 -2.47 -14.94 35.99
CA MET B 2 -3.49 -14.22 35.22
C MET B 2 -2.92 -13.72 33.90
N THR B 3 -3.34 -14.35 32.80
CA THR B 3 -2.86 -14.01 31.47
C THR B 3 -3.85 -13.06 30.79
N GLY B 4 -3.40 -12.34 29.76
CA GLY B 4 -4.30 -11.45 29.07
C GLY B 4 -3.76 -10.82 27.80
N ALA B 5 -4.67 -10.35 26.96
CA ALA B 5 -4.26 -9.72 25.70
C ALA B 5 -5.24 -8.64 25.28
N VAL B 6 -4.74 -7.68 24.51
CA VAL B 6 -5.55 -6.64 23.90
C VAL B 6 -5.73 -6.89 22.41
N CYS B 7 -6.97 -6.77 21.94
CA CYS B 7 -7.30 -6.94 20.52
CA CYS B 7 -7.26 -6.91 20.51
C CYS B 7 -7.69 -5.57 19.97
N PRO B 8 -6.76 -4.90 19.27
CA PRO B 8 -6.96 -3.52 18.82
C PRO B 8 -7.54 -3.42 17.42
N GLY B 9 -8.26 -2.33 17.16
CA GLY B 9 -8.75 -2.08 15.82
C GLY B 9 -9.69 -0.89 15.78
N SER B 10 -10.07 -0.45 14.58
CA SER B 10 -11.09 0.59 14.46
C SER B 10 -12.50 -0.01 14.49
N PHE B 11 -12.64 -1.25 13.99
CA PHE B 11 -13.91 -2.01 14.02
C PHE B 11 -15.10 -1.15 13.58
N ASP B 12 -15.01 -0.67 12.34
CA ASP B 12 -15.99 0.27 11.79
C ASP B 12 -16.64 -0.25 10.50
N PRO B 13 -17.51 -1.28 10.61
CA PRO B 13 -17.93 -1.97 11.83
C PRO B 13 -17.15 -3.27 12.08
N VAL B 14 -17.38 -3.88 13.25
CA VAL B 14 -16.87 -5.21 13.54
C VAL B 14 -17.40 -6.21 12.50
N THR B 15 -16.54 -7.12 12.04
CA THR B 15 -16.95 -8.16 11.10
C THR B 15 -16.93 -9.54 11.76
N LEU B 16 -17.44 -10.56 11.06
CA LEU B 16 -17.34 -11.93 11.57
C LEU B 16 -15.88 -12.37 11.66
N GLY B 17 -15.02 -11.77 10.85
CA GLY B 17 -13.59 -12.05 10.93
C GLY B 17 -13.00 -11.60 12.27
N HIS B 18 -13.34 -10.38 12.66
CA HIS B 18 -12.92 -9.85 13.96
C HIS B 18 -13.46 -10.73 15.09
N LEU B 19 -14.72 -11.08 14.98
CA LEU B 19 -15.40 -11.79 16.06
C LEU B 19 -14.75 -13.16 16.27
N ASP B 20 -14.35 -13.78 15.15
CA ASP B 20 -13.65 -15.07 15.21
C ASP B 20 -12.35 -14.89 15.97
N VAL B 21 -11.63 -13.81 15.71
CA VAL B 21 -10.41 -13.55 16.44
C VAL B 21 -10.70 -13.30 17.94
N PHE B 22 -11.73 -12.53 18.25
CA PHE B 22 -12.07 -12.30 19.65
C PHE B 22 -12.34 -13.63 20.38
N GLU B 23 -13.12 -14.49 19.75
CA GLU B 23 -13.50 -15.76 20.36
C GLU B 23 -12.27 -16.62 20.63
N ARG B 24 -11.36 -16.64 19.66
CA ARG B 24 -10.17 -17.47 19.78
C ARG B 24 -9.21 -16.90 20.84
N ALA B 25 -9.16 -15.59 20.97
CA ALA B 25 -8.34 -15.00 22.01
C ALA B 25 -8.94 -15.26 23.39
N ALA B 26 -10.26 -15.15 23.50
CA ALA B 26 -10.91 -15.31 24.79
C ALA B 26 -10.82 -16.76 25.25
N ALA B 27 -10.63 -17.66 24.29
CA ALA B 27 -10.47 -19.08 24.61
C ALA B 27 -9.10 -19.40 25.19
N GLN B 28 -8.12 -18.52 24.99
CA GLN B 28 -6.73 -18.86 25.33
C GLN B 28 -6.06 -17.97 26.39
N PHE B 29 -6.66 -16.81 26.66
CA PHE B 29 -6.17 -15.87 27.68
C PHE B 29 -7.23 -15.66 28.76
N ASP B 30 -6.84 -15.47 30.02
CA ASP B 30 -7.84 -15.29 31.08
C ASP B 30 -8.66 -14.02 30.86
N GLU B 31 -8.03 -13.00 30.29
CA GLU B 31 -8.67 -11.70 30.09
C GLU B 31 -8.39 -11.19 28.66
N VAL B 32 -9.42 -10.74 27.97
CA VAL B 32 -9.22 -10.06 26.67
C VAL B 32 -9.87 -8.69 26.71
N ILE B 33 -9.13 -7.66 26.28
CA ILE B 33 -9.72 -6.35 26.11
C ILE B 33 -9.74 -5.98 24.65
N VAL B 34 -10.92 -5.71 24.11
CA VAL B 34 -11.02 -5.20 22.75
C VAL B 34 -10.87 -3.70 22.82
N ALA B 35 -9.89 -3.16 22.09
CA ALA B 35 -9.63 -1.73 22.11
C ALA B 35 -10.08 -1.06 20.80
N VAL B 36 -11.15 -0.26 20.89
CA VAL B 36 -11.72 0.44 19.73
C VAL B 36 -11.02 1.78 19.60
N LEU B 37 -10.17 1.89 18.59
CA LEU B 37 -9.22 3.01 18.53
C LEU B 37 -9.78 4.22 17.80
N ILE B 38 -9.88 5.34 18.52
CA ILE B 38 -10.46 6.56 17.96
C ILE B 38 -9.38 7.37 17.22
N ASN B 39 -9.76 7.93 16.07
CA ASN B 39 -8.83 8.56 15.14
C ASN B 39 -9.34 9.92 14.67
N PRO B 40 -8.51 10.70 13.95
CA PRO B 40 -8.99 11.96 13.36
C PRO B 40 -10.35 11.86 12.66
N ALA B 43 -14.15 10.08 11.77
CA ALA B 43 -13.35 9.67 10.64
C ALA B 43 -14.03 8.58 9.82
N GLY B 44 -14.90 7.80 10.46
CA GLY B 44 -15.53 6.66 9.82
C GLY B 44 -17.06 6.68 9.83
N MET B 45 -17.65 5.51 9.64
CA MET B 45 -19.10 5.43 9.52
C MET B 45 -19.81 5.46 10.88
N PHE B 46 -19.28 4.72 11.84
CA PHE B 46 -19.92 4.59 13.14
C PHE B 46 -19.19 5.36 14.23
N THR B 47 -19.93 5.92 15.20
CA THR B 47 -19.30 6.56 16.35
C THR B 47 -18.60 5.49 17.19
N VAL B 48 -17.67 5.91 18.04
CA VAL B 48 -16.99 4.97 18.93
C VAL B 48 -17.99 4.23 19.81
N ASP B 49 -19.02 4.93 20.27
CA ASP B 49 -20.00 4.29 21.13
C ASP B 49 -20.82 3.28 20.35
N GLU B 50 -21.13 3.61 19.10
CA GLU B 50 -21.86 2.66 18.27
C GLU B 50 -21.01 1.41 18.04
N ARG B 51 -19.73 1.62 17.78
CA ARG B 51 -18.82 0.49 17.55
C ARG B 51 -18.69 -0.41 18.77
N ILE B 52 -18.50 0.19 19.95
CA ILE B 52 -18.42 -0.55 21.22
C ILE B 52 -19.67 -1.39 21.47
N GLU B 53 -20.83 -0.79 21.22
CA GLU B 53 -22.10 -1.46 21.47
C GLU B 53 -22.34 -2.61 20.48
N MET B 54 -21.89 -2.45 19.24
CA MET B 54 -21.98 -3.54 18.27
C MET B 54 -21.06 -4.71 18.68
N ILE B 55 -19.90 -4.40 19.21
CA ILE B 55 -18.99 -5.46 19.64
C ILE B 55 -19.53 -6.18 20.90
N ARG B 56 -20.03 -5.40 21.85
CA ARG B 56 -20.62 -5.97 23.07
C ARG B 56 -21.77 -6.91 22.75
N GLU B 57 -22.59 -6.51 21.78
CA GLU B 57 -23.71 -7.34 21.37
C GLU B 57 -23.22 -8.66 20.77
N SER B 58 -22.19 -8.60 19.94
CA SER B 58 -21.69 -9.81 19.29
C SER B 58 -20.84 -10.68 20.19
N THR B 59 -20.32 -10.12 21.28
CA THR B 59 -19.48 -10.87 22.22
C THR B 59 -20.16 -11.18 23.57
N ALA B 60 -21.49 -11.19 23.56
CA ALA B 60 -22.25 -11.37 24.81
C ALA B 60 -21.90 -12.66 25.54
N ASP B 61 -21.48 -13.67 24.76
CA ASP B 61 -21.17 -15.00 25.27
C ASP B 61 -19.73 -15.16 25.74
N LEU B 62 -18.97 -14.07 25.73
CA LEU B 62 -17.57 -14.11 26.14
C LEU B 62 -17.36 -13.33 27.44
N PRO B 63 -17.49 -14.02 28.58
CA PRO B 63 -17.51 -13.27 29.84
C PRO B 63 -16.16 -12.65 30.22
N ASN B 64 -15.07 -13.22 29.72
CA ASN B 64 -13.73 -12.73 30.05
C ASN B 64 -13.18 -11.71 29.04
N LEU B 65 -14.05 -11.27 28.15
CA LEU B 65 -13.70 -10.19 27.21
C LEU B 65 -14.51 -8.94 27.50
N ARG B 66 -13.84 -7.79 27.49
CA ARG B 66 -14.55 -6.52 27.58
C ARG B 66 -14.05 -5.56 26.53
N VAL B 67 -14.85 -4.53 26.28
CA VAL B 67 -14.60 -3.59 25.19
C VAL B 67 -14.40 -2.19 25.77
N GLU B 68 -13.34 -1.51 25.34
CA GLU B 68 -13.06 -0.13 25.76
C GLU B 68 -12.58 0.67 24.56
N SER B 69 -12.73 1.98 24.63
CA SER B 69 -12.17 2.84 23.60
C SER B 69 -10.76 3.20 24.00
N GLY B 70 -9.92 3.49 23.01
CA GLY B 70 -8.57 3.89 23.29
C GLY B 70 -8.11 4.96 22.32
N GLN B 71 -7.09 5.70 22.72
CA GLN B 71 -6.55 6.74 21.89
C GLN B 71 -5.05 6.78 22.12
N GLY B 72 -4.31 7.22 21.11
CA GLY B 72 -2.88 7.36 21.23
C GLY B 72 -2.14 6.04 21.07
N LEU B 73 -1.02 5.93 21.77
CA LEU B 73 -0.07 4.84 21.58
C LEU B 73 -0.62 3.54 22.12
N LEU B 74 -0.72 2.52 21.27
CA LEU B 74 -1.32 1.26 21.69
C LEU B 74 -0.59 0.61 22.87
N VAL B 75 0.75 0.65 22.87
CA VAL B 75 1.46 -0.04 23.94
C VAL B 75 1.22 0.63 25.29
N ASP B 76 0.89 1.91 25.29
CA ASP B 76 0.48 2.57 26.53
C ASP B 76 -0.86 2.03 27.02
N PHE B 77 -1.84 1.96 26.13
CA PHE B 77 -3.13 1.35 26.44
C PHE B 77 -2.94 -0.04 27.06
N VAL B 78 -2.11 -0.85 26.44
CA VAL B 78 -1.87 -2.21 26.91
C VAL B 78 -1.23 -2.23 28.31
N ARG B 79 -0.15 -1.48 28.47
CA ARG B 79 0.60 -1.48 29.72
C ARG B 79 -0.19 -0.85 30.87
N GLU B 80 -1.01 0.14 30.54
CA GLU B 80 -1.83 0.83 31.54
C GLU B 80 -2.80 -0.13 32.21
N ARG B 81 -3.09 -1.22 31.52
CA ARG B 81 -4.08 -2.18 32.00
C ARG B 81 -3.40 -3.44 32.54
N GLY B 82 -2.09 -3.36 32.76
CA GLY B 82 -1.33 -4.42 33.40
C GLY B 82 -1.02 -5.60 32.50
N LEU B 83 -1.18 -5.39 31.19
CA LEU B 83 -0.94 -6.47 30.22
C LEU B 83 0.28 -6.13 29.35
N ASN B 84 0.78 -7.11 28.61
CA ASN B 84 1.82 -6.82 27.65
C ASN B 84 1.79 -7.78 26.45
N ALA B 85 0.57 -8.07 26.01
CA ALA B 85 0.34 -8.84 24.80
C ALA B 85 -0.79 -8.24 23.97
N ILE B 86 -0.57 -8.22 22.66
CA ILE B 86 -1.55 -7.86 21.64
C ILE B 86 -1.92 -9.12 20.86
N VAL B 87 -3.20 -9.29 20.52
CA VAL B 87 -3.63 -10.36 19.62
C VAL B 87 -4.37 -9.77 18.41
N LYS B 88 -3.96 -10.19 17.22
CA LYS B 88 -4.54 -9.68 15.98
C LYS B 88 -4.73 -10.77 14.93
N GLY B 89 -5.77 -10.66 14.11
CA GLY B 89 -5.91 -11.61 13.00
C GLY B 89 -5.07 -11.17 11.82
N LEU B 90 -4.62 -12.16 11.05
CA LEU B 90 -3.93 -11.92 9.80
C LEU B 90 -4.64 -12.67 8.69
N ARG B 91 -4.83 -12.03 7.54
CA ARG B 91 -5.44 -12.70 6.41
C ARG B 91 -4.42 -13.22 5.39
N THR B 92 -3.36 -12.45 5.15
CA THR B 92 -2.42 -12.78 4.08
C THR B 92 -0.98 -12.57 4.50
N GLY B 93 -0.06 -12.96 3.62
CA GLY B 93 1.35 -12.68 3.81
C GLY B 93 1.70 -11.19 3.91
N THR B 94 1.03 -10.35 3.12
CA THR B 94 1.34 -8.92 3.16
C THR B 94 0.70 -8.28 4.39
N ASP B 95 -0.41 -8.84 4.87
CA ASP B 95 -0.87 -8.53 6.22
C ASP B 95 0.29 -8.70 7.21
N PHE B 96 0.92 -9.88 7.15
CA PHE B 96 1.98 -10.21 8.10
C PHE B 96 3.13 -9.20 8.01
N GLU B 97 3.54 -8.82 6.80
CA GLU B 97 4.71 -7.97 6.61
C GLU B 97 4.51 -6.54 7.16
N TYR B 98 3.35 -5.96 6.93
CA TYR B 98 3.03 -4.67 7.54
C TYR B 98 2.90 -4.76 9.07
N GLU B 99 2.16 -5.76 9.52
CA GLU B 99 1.95 -5.95 10.95
C GLU B 99 3.26 -6.33 11.63
N LEU B 100 4.13 -7.01 10.90
CA LEU B 100 5.41 -7.44 11.46
C LEU B 100 6.26 -6.24 11.91
N GLN B 101 6.27 -5.19 11.08
CA GLN B 101 6.98 -3.96 11.42
C GLN B 101 6.45 -3.34 12.71
N MET B 102 5.13 -3.17 12.79
CA MET B 102 4.54 -2.60 14.00
C MET B 102 4.76 -3.49 15.23
N ALA B 103 4.74 -4.80 15.04
CA ALA B 103 4.92 -5.72 16.17
C ALA B 103 6.33 -5.62 16.72
N GLN B 104 7.30 -5.55 15.82
CA GLN B 104 8.68 -5.42 16.26
C GLN B 104 8.92 -4.05 16.90
N MET B 105 8.30 -3.01 16.34
CA MET B 105 8.39 -1.68 16.94
C MET B 105 7.78 -1.68 18.33
N ASN B 106 6.59 -2.26 18.45
CA ASN B 106 5.92 -2.30 19.75
C ASN B 106 6.69 -3.07 20.80
N LYS B 107 7.35 -4.16 20.40
CA LYS B 107 8.16 -4.88 21.37
C LYS B 107 9.44 -4.10 21.71
N HIS B 108 10.02 -3.43 20.72
CA HIS B 108 11.23 -2.63 20.97
C HIS B 108 10.96 -1.47 21.94
N ILE B 109 9.88 -0.73 21.71
CA ILE B 109 9.65 0.49 22.50
C ILE B 109 9.00 0.24 23.86
N ALA B 110 8.37 -0.92 24.07
CA ALA B 110 7.63 -1.10 25.31
C ALA B 110 7.64 -2.53 25.85
N GLY B 111 8.26 -3.45 25.13
CA GLY B 111 8.33 -4.83 25.59
C GLY B 111 6.97 -5.53 25.50
N VAL B 112 6.09 -5.00 24.67
CA VAL B 112 4.76 -5.58 24.49
C VAL B 112 4.83 -6.53 23.31
N ASP B 113 4.34 -7.75 23.48
CA ASP B 113 4.44 -8.74 22.43
C ASP B 113 3.15 -8.83 21.64
N THR B 114 3.21 -9.44 20.47
CA THR B 114 2.04 -9.55 19.61
C THR B 114 1.88 -10.98 19.11
N PHE B 115 0.68 -11.53 19.26
CA PHE B 115 0.36 -12.85 18.79
C PHE B 115 -0.63 -12.72 17.66
N PHE B 116 -0.32 -13.32 16.52
CA PHE B 116 -1.21 -13.28 15.35
C PHE B 116 -1.94 -14.60 15.19
N VAL B 117 -3.21 -14.54 14.80
CA VAL B 117 -3.94 -15.76 14.43
C VAL B 117 -4.37 -15.70 12.97
N ALA B 118 -4.32 -16.85 12.30
CA ALA B 118 -4.78 -16.89 10.92
C ALA B 118 -6.29 -16.78 10.86
N THR B 119 -6.76 -15.97 9.93
CA THR B 119 -8.18 -15.82 9.65
C THR B 119 -8.89 -17.17 9.48
N ALA B 120 -10.16 -17.27 9.87
CA ALA B 120 -10.95 -18.43 9.45
C ALA B 120 -11.05 -18.33 7.92
N PRO B 121 -10.91 -19.46 7.21
CA PRO B 121 -10.93 -19.43 5.74
C PRO B 121 -12.12 -18.65 5.15
N ALA B 122 -13.29 -18.81 5.76
CA ALA B 122 -14.51 -18.19 5.25
C ALA B 122 -14.45 -16.67 5.21
N TYR B 123 -13.60 -16.06 6.04
CA TYR B 123 -13.59 -14.60 6.17
C TYR B 123 -12.30 -13.96 5.66
N SER B 124 -11.55 -14.72 4.87
CA SER B 124 -10.26 -14.25 4.38
C SER B 124 -10.39 -12.98 3.52
N PHE B 125 -11.53 -12.82 2.88
CA PHE B 125 -11.72 -11.69 1.98
C PHE B 125 -12.53 -10.55 2.60
N VAL B 126 -12.98 -10.72 3.83
CA VAL B 126 -13.80 -9.67 4.42
C VAL B 126 -12.94 -8.59 5.08
N SER B 127 -13.29 -7.35 4.83
CA SER B 127 -12.77 -6.22 5.59
C SER B 127 -13.89 -5.24 5.84
N SER B 128 -13.72 -4.39 6.85
CA SER B 128 -14.72 -3.38 7.18
C SER B 128 -14.92 -2.45 5.98
N SER B 129 -13.81 -2.04 5.38
CA SER B 129 -13.82 -1.10 4.26
C SER B 129 -14.58 -1.66 3.07
N LEU B 130 -14.25 -2.90 2.70
CA LEU B 130 -14.87 -3.51 1.54
C LEU B 130 -16.34 -3.82 1.80
N ALA B 131 -16.66 -4.26 3.02
CA ALA B 131 -18.06 -4.52 3.40
C ALA B 131 -18.89 -3.25 3.26
N LYS B 132 -18.38 -2.14 3.78
CA LYS B 132 -19.09 -0.87 3.72
C LYS B 132 -19.30 -0.44 2.28
N GLU B 133 -18.23 -0.55 1.49
CA GLU B 133 -18.26 -0.14 0.08
C GLU B 133 -19.28 -0.95 -0.70
N VAL B 134 -19.24 -2.26 -0.56
CA VAL B 134 -20.21 -3.13 -1.21
C VAL B 134 -21.63 -2.79 -0.78
N ALA B 135 -21.85 -2.66 0.53
CA ALA B 135 -23.17 -2.35 1.05
C ALA B 135 -23.70 -0.98 0.58
N THR B 136 -22.80 -0.03 0.39
CA THR B 136 -23.17 1.30 -0.07
C THR B 136 -23.82 1.25 -1.45
N TYR B 137 -23.43 0.27 -2.26
CA TYR B 137 -23.95 0.16 -3.62
C TYR B 137 -24.95 -0.95 -3.79
N GLY B 138 -25.50 -1.43 -2.68
CA GLY B 138 -26.59 -2.37 -2.73
C GLY B 138 -26.22 -3.83 -2.62
N GLY B 139 -24.91 -4.13 -2.58
CA GLY B 139 -24.46 -5.50 -2.43
C GLY B 139 -24.86 -6.04 -1.06
N ASP B 140 -25.09 -7.35 -0.98
CA ASP B 140 -25.53 -7.98 0.27
C ASP B 140 -24.37 -8.62 1.04
N VAL B 141 -24.00 -8.02 2.16
CA VAL B 141 -22.86 -8.47 2.96
C VAL B 141 -23.33 -9.05 4.29
N SER B 142 -24.57 -9.47 4.35
CA SER B 142 -25.16 -9.99 5.58
C SER B 142 -24.42 -11.22 6.12
N ALA B 143 -23.77 -11.98 5.24
CA ALA B 143 -23.10 -13.23 5.67
C ALA B 143 -21.72 -12.97 6.24
N LEU B 144 -21.27 -11.72 6.17
CA LEU B 144 -19.92 -11.35 6.54
C LEU B 144 -19.87 -10.55 7.83
N LEU B 145 -21.05 -10.15 8.29
CA LEU B 145 -21.17 -9.30 9.47
C LEU B 145 -22.10 -9.96 10.47
N PRO B 146 -21.87 -9.70 11.77
CA PRO B 146 -22.79 -10.19 12.80
C PRO B 146 -24.18 -9.59 12.57
N ALA B 147 -25.23 -10.29 13.01
CA ALA B 147 -26.60 -9.79 12.86
C ALA B 147 -26.74 -8.38 13.42
N SER B 148 -26.06 -8.12 14.54
CA SER B 148 -26.15 -6.83 15.23
C SER B 148 -25.67 -5.66 14.38
N VAL B 149 -24.78 -5.95 13.44
CA VAL B 149 -24.18 -4.91 12.62
C VAL B 149 -25.01 -4.64 11.38
N HIS B 150 -25.53 -5.71 10.78
CA HIS B 150 -26.15 -5.61 9.46
C HIS B 150 -27.38 -4.72 9.51
N GLN B 151 -28.13 -4.80 10.60
CA GLN B 151 -29.30 -3.94 10.79
C GLN B 151 -28.92 -2.46 10.88
N ARG B 152 -27.90 -2.16 11.67
CA ARG B 152 -27.45 -0.78 11.87
C ARG B 152 -26.76 -0.19 10.64
N LEU B 153 -26.14 -1.06 9.86
CA LEU B 153 -25.46 -0.64 8.64
C LEU B 153 -26.49 -0.19 7.61
N LEU B 154 -27.61 -0.90 7.56
CA LEU B 154 -28.72 -0.52 6.69
C LEU B 154 -29.27 0.85 7.07
N GLY B 155 -29.36 1.10 8.38
CA GLY B 155 -29.85 2.37 8.88
C GLY B 155 -28.97 3.55 8.50
N LYS B 156 -27.66 3.36 8.62
CA LYS B 156 -26.71 4.43 8.31
C LYS B 156 -26.70 4.79 6.84
N LEU B 157 -27.04 3.83 5.98
CA LEU B 157 -27.02 4.06 4.54
C LEU B 157 -28.33 4.67 4.03
N ARG B 158 -29.39 4.52 4.81
CA ARG B 158 -30.71 5.04 4.44
C ARG B 158 -30.86 6.50 4.84
N MET C 2 -21.72 -18.75 -26.26
CA MET C 2 -22.02 -17.40 -25.77
C MET C 2 -21.13 -17.00 -24.58
N THR C 3 -19.82 -17.11 -24.76
CA THR C 3 -18.88 -16.79 -23.67
C THR C 3 -18.51 -15.30 -23.67
N GLY C 4 -18.03 -14.82 -22.52
CA GLY C 4 -17.71 -13.41 -22.44
C GLY C 4 -17.08 -12.97 -21.14
N ALA C 5 -16.20 -11.96 -21.22
CA ALA C 5 -15.61 -11.40 -20.01
C ALA C 5 -15.56 -9.88 -20.04
N VAL C 6 -15.52 -9.28 -18.86
CA VAL C 6 -15.33 -7.85 -18.69
C VAL C 6 -13.91 -7.56 -18.19
N CYS C 7 -13.25 -6.60 -18.82
CA CYS C 7 -11.92 -6.12 -18.39
C CYS C 7 -12.03 -4.70 -17.80
N PRO C 8 -11.95 -4.59 -16.46
CA PRO C 8 -12.20 -3.32 -15.79
C PRO C 8 -10.93 -2.57 -15.42
N GLY C 9 -11.06 -1.26 -15.24
CA GLY C 9 -9.95 -0.45 -14.76
C GLY C 9 -10.28 1.02 -14.94
N SER C 10 -9.39 1.89 -14.46
CA SER C 10 -9.55 3.32 -14.67
C SER C 10 -8.99 3.71 -16.04
N PHE C 11 -7.93 3.00 -16.45
CA PHE C 11 -7.24 3.23 -17.73
C PHE C 11 -6.97 4.72 -18.01
N ASP C 12 -6.17 5.32 -17.13
CA ASP C 12 -5.92 6.76 -17.17
C ASP C 12 -4.43 7.11 -17.40
N PRO C 13 -3.89 6.85 -18.60
CA PRO C 13 -4.46 6.25 -19.80
C PRO C 13 -4.20 4.75 -19.88
N VAL C 14 -4.90 4.10 -20.80
CA VAL C 14 -4.60 2.72 -21.16
C VAL C 14 -3.14 2.60 -21.58
N THR C 15 -2.48 1.51 -21.15
CA THR C 15 -1.10 1.25 -21.52
C THR C 15 -0.99 0.05 -22.42
N LEU C 16 0.22 -0.21 -22.93
CA LEU C 16 0.46 -1.42 -23.70
C LEU C 16 0.23 -2.68 -22.84
N GLY C 17 0.42 -2.53 -21.53
CA GLY C 17 0.16 -3.61 -20.59
C GLY C 17 -1.31 -3.98 -20.58
N HIS C 18 -2.17 -2.97 -20.58
CA HIS C 18 -3.62 -3.22 -20.61
C HIS C 18 -4.03 -3.79 -21.95
N LEU C 19 -3.49 -3.20 -23.02
CA LEU C 19 -3.87 -3.61 -24.37
C LEU C 19 -3.52 -5.06 -24.60
N ASP C 20 -2.38 -5.49 -24.07
CA ASP C 20 -1.98 -6.89 -24.14
C ASP C 20 -3.02 -7.77 -23.42
N VAL C 21 -3.50 -7.33 -22.28
CA VAL C 21 -4.54 -8.10 -21.59
C VAL C 21 -5.85 -8.14 -22.40
N PHE C 22 -6.26 -6.99 -22.95
CA PHE C 22 -7.46 -6.93 -23.80
C PHE C 22 -7.37 -7.97 -24.95
N GLU C 23 -6.22 -7.98 -25.63
CA GLU C 23 -5.99 -8.85 -26.78
C GLU C 23 -6.10 -10.31 -26.40
N ARG C 24 -5.55 -10.63 -25.24
CA ARG C 24 -5.54 -12.00 -24.76
C ARG C 24 -6.93 -12.42 -24.33
N ALA C 25 -7.67 -11.53 -23.67
CA ALA C 25 -9.05 -11.84 -23.31
C ALA C 25 -9.87 -12.03 -24.57
N ALA C 26 -9.71 -11.13 -25.54
CA ALA C 26 -10.44 -11.21 -26.80
C ALA C 26 -10.19 -12.52 -27.55
N ALA C 27 -9.02 -13.11 -27.37
CA ALA C 27 -8.66 -14.33 -28.09
C ALA C 27 -9.28 -15.58 -27.46
N GLN C 28 -9.77 -15.46 -26.23
CA GLN C 28 -10.24 -16.65 -25.50
C GLN C 28 -11.73 -16.61 -25.13
N PHE C 29 -12.36 -15.45 -25.31
CA PHE C 29 -13.79 -15.27 -25.02
C PHE C 29 -14.49 -14.66 -26.23
N ASP C 30 -15.71 -15.13 -26.53
CA ASP C 30 -16.43 -14.63 -27.70
C ASP C 30 -16.68 -13.12 -27.65
N GLU C 31 -16.91 -12.61 -26.45
CA GLU C 31 -17.27 -11.22 -26.24
C GLU C 31 -16.42 -10.60 -25.13
N VAL C 32 -15.76 -9.47 -25.41
CA VAL C 32 -15.07 -8.77 -24.32
C VAL C 32 -15.61 -7.35 -24.18
N ILE C 33 -15.91 -6.96 -22.95
CA ILE C 33 -16.24 -5.57 -22.70
C ILE C 33 -15.21 -4.91 -21.78
N VAL C 34 -14.62 -3.82 -22.26
CA VAL C 34 -13.74 -3.03 -21.43
C VAL C 34 -14.57 -2.01 -20.63
N ALA C 35 -14.50 -2.11 -19.31
CA ALA C 35 -15.27 -1.24 -18.44
C ALA C 35 -14.39 -0.15 -17.89
N VAL C 36 -14.58 1.06 -18.39
CA VAL C 36 -13.83 2.22 -17.93
C VAL C 36 -14.55 2.77 -16.71
N LEU C 37 -13.95 2.60 -15.54
CA LEU C 37 -14.62 2.93 -14.29
C LEU C 37 -14.27 4.33 -13.80
N ILE C 38 -15.27 4.99 -13.23
CA ILE C 38 -15.11 6.38 -12.75
C ILE C 38 -15.52 6.53 -11.29
N ALA C 43 -11.17 11.82 -10.39
CA ALA C 43 -10.73 12.57 -11.55
C ALA C 43 -9.20 12.52 -11.69
N GLY C 44 -8.74 11.87 -12.74
CA GLY C 44 -7.31 11.77 -13.01
C GLY C 44 -6.91 12.75 -14.08
N MET C 45 -6.23 12.25 -15.10
CA MET C 45 -5.72 13.11 -16.17
C MET C 45 -6.68 13.22 -17.35
N PHE C 46 -7.24 12.09 -17.79
CA PHE C 46 -8.13 12.08 -18.94
C PHE C 46 -9.58 11.93 -18.53
N THR C 47 -10.50 12.55 -19.28
CA THR C 47 -11.92 12.37 -18.99
C THR C 47 -12.35 10.98 -19.39
N VAL C 48 -13.51 10.56 -18.89
CA VAL C 48 -14.07 9.26 -19.25
C VAL C 48 -14.12 9.07 -20.75
N ASP C 49 -14.63 10.08 -21.45
CA ASP C 49 -14.77 10.04 -22.89
C ASP C 49 -13.42 9.90 -23.58
N GLU C 50 -12.43 10.61 -23.06
CA GLU C 50 -11.09 10.54 -23.63
C GLU C 50 -10.51 9.14 -23.42
N ARG C 51 -10.69 8.61 -22.22
CA ARG C 51 -10.18 7.28 -21.91
C ARG C 51 -10.82 6.22 -22.78
N ILE C 52 -12.14 6.34 -22.97
CA ILE C 52 -12.86 5.46 -23.88
C ILE C 52 -12.34 5.57 -25.31
N GLU C 53 -12.16 6.81 -25.79
CA GLU C 53 -11.69 7.03 -27.14
C GLU C 53 -10.31 6.41 -27.37
N MET C 54 -9.41 6.64 -26.43
CA MET C 54 -8.05 6.11 -26.55
C MET C 54 -8.02 4.60 -26.62
N ILE C 55 -8.92 3.95 -25.89
CA ILE C 55 -8.99 2.50 -25.91
C ILE C 55 -9.60 2.01 -27.22
N ARG C 56 -10.67 2.66 -27.67
CA ARG C 56 -11.29 2.30 -28.94
C ARG C 56 -10.27 2.42 -30.08
N GLU C 57 -9.53 3.53 -30.11
CA GLU C 57 -8.48 3.72 -31.11
C GLU C 57 -7.50 2.55 -31.13
N SER C 58 -7.11 2.09 -29.94
CA SER C 58 -6.05 1.09 -29.83
C SER C 58 -6.52 -0.35 -29.98
N THR C 59 -7.85 -0.55 -29.96
CA THR C 59 -8.42 -1.88 -30.05
C THR C 59 -9.19 -2.13 -31.36
N ALA C 60 -8.88 -1.36 -32.40
CA ALA C 60 -9.65 -1.44 -33.64
C ALA C 60 -9.52 -2.80 -34.30
N ASP C 61 -8.42 -3.50 -34.03
CA ASP C 61 -8.19 -4.82 -34.61
C ASP C 61 -8.87 -5.94 -33.81
N LEU C 62 -9.64 -5.58 -32.79
CA LEU C 62 -10.34 -6.58 -31.99
C LEU C 62 -11.86 -6.47 -32.21
N PRO C 63 -12.37 -7.24 -33.18
CA PRO C 63 -13.78 -7.13 -33.61
C PRO C 63 -14.78 -7.54 -32.52
N ASN C 64 -14.36 -8.39 -31.58
CA ASN C 64 -15.28 -8.84 -30.55
C ASN C 64 -15.14 -8.11 -29.22
N LEU C 65 -14.53 -6.92 -29.25
CA LEU C 65 -14.38 -6.10 -28.05
C LEU C 65 -15.09 -4.75 -28.19
N ARG C 66 -15.74 -4.31 -27.11
CA ARG C 66 -16.28 -2.97 -27.07
C ARG C 66 -15.92 -2.29 -25.76
N VAL C 67 -16.11 -0.97 -25.73
CA VAL C 67 -15.67 -0.15 -24.62
C VAL C 67 -16.84 0.65 -24.07
N GLU C 68 -17.09 0.57 -22.77
CA GLU C 68 -18.19 1.28 -22.15
C GLU C 68 -17.74 1.87 -20.82
N SER C 69 -18.35 2.98 -20.42
CA SER C 69 -18.07 3.53 -19.10
C SER C 69 -18.93 2.80 -18.10
N GLY C 70 -18.53 2.84 -16.83
CA GLY C 70 -19.31 2.18 -15.79
C GLY C 70 -19.23 2.87 -14.45
N GLN C 71 -20.27 2.67 -13.65
CA GLN C 71 -20.33 3.22 -12.30
C GLN C 71 -20.85 2.15 -11.35
N GLY C 72 -20.74 2.40 -10.05
CA GLY C 72 -21.24 1.49 -9.05
C GLY C 72 -20.46 0.18 -8.99
N LEU C 73 -21.09 -0.85 -8.42
CA LEU C 73 -20.46 -2.15 -8.27
C LEU C 73 -20.11 -2.77 -9.62
N LEU C 74 -18.87 -3.23 -9.73
CA LEU C 74 -18.45 -3.90 -10.94
C LEU C 74 -19.32 -5.12 -11.24
N VAL C 75 -19.73 -5.85 -10.20
CA VAL C 75 -20.50 -7.07 -10.46
C VAL C 75 -21.85 -6.75 -11.12
N ASP C 76 -22.44 -5.60 -10.77
CA ASP C 76 -23.70 -5.17 -11.40
C ASP C 76 -23.46 -4.84 -12.86
N PHE C 77 -22.38 -4.14 -13.16
CA PHE C 77 -22.00 -3.87 -14.54
C PHE C 77 -21.88 -5.17 -15.34
N VAL C 78 -21.21 -6.15 -14.75
CA VAL C 78 -21.00 -7.41 -15.44
C VAL C 78 -22.32 -8.15 -15.65
N ARG C 79 -23.10 -8.31 -14.59
CA ARG C 79 -24.33 -9.09 -14.68
C ARG C 79 -25.40 -8.42 -15.54
N GLU C 80 -25.45 -7.10 -15.55
CA GLU C 80 -26.46 -6.35 -16.33
C GLU C 80 -26.21 -6.52 -17.83
N ARG C 81 -25.05 -7.04 -18.19
CA ARG C 81 -24.73 -7.33 -19.59
C ARG C 81 -24.72 -8.82 -19.88
N GLY C 82 -25.25 -9.60 -18.95
CA GLY C 82 -25.44 -11.02 -19.17
C GLY C 82 -24.21 -11.88 -18.98
N LEU C 83 -23.17 -11.30 -18.39
CA LEU C 83 -21.93 -12.04 -18.21
C LEU C 83 -21.68 -12.35 -16.74
N ASN C 84 -20.69 -13.19 -16.44
CA ASN C 84 -20.29 -13.36 -15.04
C ASN C 84 -18.80 -13.72 -14.91
N ALA C 85 -17.98 -13.12 -15.76
CA ALA C 85 -16.53 -13.27 -15.65
C ALA C 85 -15.86 -11.91 -15.79
N ILE C 86 -14.83 -11.71 -14.98
CA ILE C 86 -13.93 -10.57 -15.07
C ILE C 86 -12.56 -11.12 -15.51
N VAL C 87 -11.87 -10.40 -16.41
CA VAL C 87 -10.48 -10.73 -16.71
C VAL C 87 -9.59 -9.54 -16.33
N LYS C 88 -8.52 -9.81 -15.60
CA LYS C 88 -7.68 -8.76 -15.02
C LYS C 88 -6.20 -9.14 -15.12
N GLY C 89 -5.34 -8.18 -15.46
CA GLY C 89 -3.91 -8.49 -15.52
C GLY C 89 -3.21 -8.36 -14.18
N LEU C 90 -2.21 -9.22 -13.92
CA LEU C 90 -1.43 -9.17 -12.69
C LEU C 90 0.07 -9.15 -12.95
N ARG C 91 0.78 -8.27 -12.24
CA ARG C 91 2.25 -8.19 -12.33
C ARG C 91 2.93 -8.98 -11.21
N THR C 92 2.47 -8.75 -9.99
CA THR C 92 2.92 -9.44 -8.79
C THR C 92 1.66 -10.20 -8.35
N GLY C 93 1.64 -11.05 -7.32
CA GLY C 93 2.55 -11.14 -6.20
C GLY C 93 1.70 -10.47 -5.14
N THR C 94 1.97 -9.18 -4.92
CA THR C 94 1.15 -8.37 -4.06
C THR C 94 -0.15 -7.98 -4.80
N ASP C 95 -0.07 -7.88 -6.12
CA ASP C 95 -1.26 -7.67 -6.94
C ASP C 95 -2.25 -8.81 -6.72
N PHE C 96 -1.75 -10.05 -6.72
CA PHE C 96 -2.66 -11.18 -6.57
C PHE C 96 -3.38 -11.13 -5.23
N GLU C 97 -2.65 -10.76 -4.17
CA GLU C 97 -3.20 -10.74 -2.82
C GLU C 97 -4.35 -9.75 -2.71
N TYR C 98 -4.10 -8.55 -3.21
CA TYR C 98 -5.08 -7.48 -3.21
C TYR C 98 -6.30 -7.84 -4.05
N GLU C 99 -6.05 -8.32 -5.26
CA GLU C 99 -7.12 -8.69 -6.18
C GLU C 99 -7.87 -9.92 -5.73
N LEU C 100 -7.20 -10.84 -5.04
CA LEU C 100 -7.87 -12.04 -4.56
C LEU C 100 -9.01 -11.66 -3.64
N GLN C 101 -8.77 -10.66 -2.81
CA GLN C 101 -9.78 -10.21 -1.86
C GLN C 101 -11.03 -9.75 -2.60
N MET C 102 -10.83 -8.86 -3.58
CA MET C 102 -11.95 -8.38 -4.38
C MET C 102 -12.63 -9.49 -5.17
N ALA C 103 -11.84 -10.44 -5.67
CA ALA C 103 -12.37 -11.53 -6.47
C ALA C 103 -13.29 -12.45 -5.67
N GLN C 104 -12.84 -12.81 -4.47
CA GLN C 104 -13.67 -13.66 -3.64
C GLN C 104 -14.91 -12.92 -3.15
N MET C 105 -14.77 -11.63 -2.87
CA MET C 105 -15.94 -10.82 -2.50
C MET C 105 -16.92 -10.79 -3.65
N ASN C 106 -16.42 -10.53 -4.85
CA ASN C 106 -17.30 -10.46 -6.02
C ASN C 106 -18.02 -11.78 -6.33
N LYS C 107 -17.33 -12.89 -6.11
CA LYS C 107 -17.94 -14.19 -6.33
C LYS C 107 -19.01 -14.43 -5.28
N HIS C 108 -18.73 -13.98 -4.06
CA HIS C 108 -19.65 -14.18 -2.94
C HIS C 108 -20.94 -13.40 -3.13
N ILE C 109 -20.85 -12.15 -3.53
CA ILE C 109 -22.05 -11.32 -3.55
C ILE C 109 -22.89 -11.49 -4.81
N ALA C 110 -22.28 -11.96 -5.91
CA ALA C 110 -22.99 -11.93 -7.19
C ALA C 110 -22.67 -13.07 -8.15
N GLY C 111 -21.86 -14.01 -7.71
CA GLY C 111 -21.56 -15.21 -8.48
C GLY C 111 -20.66 -14.93 -9.67
N VAL C 112 -20.07 -13.75 -9.68
CA VAL C 112 -19.17 -13.35 -10.78
C VAL C 112 -17.74 -13.83 -10.51
N ASP C 113 -17.17 -14.54 -11.47
CA ASP C 113 -15.84 -15.10 -11.32
C ASP C 113 -14.80 -14.14 -11.90
N THR C 114 -13.54 -14.36 -11.53
CA THR C 114 -12.43 -13.51 -12.00
C THR C 114 -11.28 -14.38 -12.49
N PHE C 115 -10.83 -14.10 -13.71
CA PHE C 115 -9.71 -14.81 -14.28
C PHE C 115 -8.58 -13.82 -14.42
N PHE C 116 -7.44 -14.13 -13.81
CA PHE C 116 -6.24 -13.28 -13.87
C PHE C 116 -5.26 -13.77 -14.91
N VAL C 117 -4.59 -12.85 -15.60
CA VAL C 117 -3.52 -13.25 -16.51
C VAL C 117 -2.22 -12.59 -16.08
N ALA C 118 -1.12 -13.30 -16.27
CA ALA C 118 0.19 -12.74 -15.97
C ALA C 118 0.57 -11.70 -17.02
N THR C 119 1.06 -10.57 -16.51
CA THR C 119 1.60 -9.51 -17.35
CA THR C 119 1.58 -9.51 -17.39
C THR C 119 2.60 -10.04 -18.39
N ALA C 120 2.65 -9.42 -19.58
CA ALA C 120 3.72 -9.76 -20.51
C ALA C 120 5.01 -9.28 -19.84
N PRO C 121 6.10 -10.08 -19.94
CA PRO C 121 7.36 -9.70 -19.27
C PRO C 121 7.78 -8.27 -19.57
N ALA C 122 7.61 -7.82 -20.82
CA ALA C 122 8.07 -6.50 -21.23
C ALA C 122 7.41 -5.35 -20.51
N TYR C 123 6.19 -5.58 -19.98
CA TYR C 123 5.43 -4.49 -19.38
C TYR C 123 5.30 -4.65 -17.87
N SER C 124 6.17 -5.47 -17.28
CA SER C 124 6.15 -5.70 -15.84
C SER C 124 6.26 -4.41 -15.01
N PHE C 125 6.95 -3.40 -15.53
CA PHE C 125 7.18 -2.16 -14.77
C PHE C 125 6.22 -1.02 -15.16
N VAL C 126 5.33 -1.31 -16.11
CA VAL C 126 4.43 -0.29 -16.65
C VAL C 126 3.16 -0.14 -15.80
N SER C 127 2.85 1.09 -15.43
CA SER C 127 1.58 1.45 -14.79
C SER C 127 1.17 2.81 -15.31
N SER C 128 -0.12 3.13 -15.29
CA SER C 128 -0.57 4.43 -15.78
C SER C 128 0.03 5.55 -14.94
N SER C 129 0.06 5.33 -13.63
CA SER C 129 0.59 6.30 -12.69
C SER C 129 2.06 6.59 -12.91
N LEU C 130 2.86 5.54 -13.07
CA LEU C 130 4.28 5.74 -13.25
C LEU C 130 4.57 6.36 -14.62
N ALA C 131 3.84 5.96 -15.66
CA ALA C 131 4.03 6.55 -16.98
C ALA C 131 3.74 8.06 -17.00
N LYS C 132 2.66 8.46 -16.32
CA LYS C 132 2.32 9.88 -16.24
C LYS C 132 3.36 10.66 -15.45
N GLU C 133 3.79 10.07 -14.33
CA GLU C 133 4.82 10.67 -13.49
C GLU C 133 6.13 10.92 -14.24
N VAL C 134 6.64 9.88 -14.88
CA VAL C 134 7.85 10.01 -15.67
C VAL C 134 7.69 11.03 -16.83
N ALA C 135 6.58 10.95 -17.54
CA ALA C 135 6.33 11.82 -18.70
C ALA C 135 6.27 13.27 -18.28
N THR C 136 5.66 13.51 -17.12
CA THR C 136 5.54 14.84 -16.54
C THR C 136 6.90 15.53 -16.37
N TYR C 137 7.91 14.75 -15.98
CA TYR C 137 9.25 15.28 -15.76
C TYR C 137 10.17 15.08 -16.96
N GLY C 138 9.59 14.73 -18.10
CA GLY C 138 10.33 14.70 -19.34
C GLY C 138 10.87 13.37 -19.81
N GLY C 139 10.63 12.30 -19.06
CA GLY C 139 11.09 10.98 -19.45
C GLY C 139 10.31 10.44 -20.64
N ASP C 140 10.97 9.62 -21.46
CA ASP C 140 10.37 9.09 -22.68
C ASP C 140 9.63 7.77 -22.41
N VAL C 141 8.30 7.83 -22.42
CA VAL C 141 7.48 6.64 -22.16
C VAL C 141 6.81 6.13 -23.44
N SER C 142 7.35 6.50 -24.60
CA SER C 142 6.79 6.14 -25.91
C SER C 142 6.67 4.67 -26.17
N ALA C 143 7.60 3.92 -25.58
CA ALA C 143 7.65 2.49 -25.81
C ALA C 143 6.66 1.75 -24.90
N LEU C 144 5.93 2.48 -24.07
CA LEU C 144 5.08 1.85 -23.05
C LEU C 144 3.58 2.09 -23.24
N LEU C 145 3.25 2.88 -24.27
CA LEU C 145 1.88 3.35 -24.51
C LEU C 145 1.54 3.23 -25.98
N PRO C 146 0.25 3.00 -26.29
CA PRO C 146 -0.21 3.00 -27.69
C PRO C 146 0.19 4.30 -28.38
N ALA C 147 0.40 4.23 -29.69
CA ALA C 147 0.87 5.39 -30.44
C ALA C 147 -0.03 6.60 -30.23
N SER C 148 -1.33 6.37 -30.37
CA SER C 148 -2.32 7.43 -30.19
C SER C 148 -2.23 8.02 -28.82
N VAL C 149 -2.28 7.14 -27.82
CA VAL C 149 -2.20 7.60 -26.43
C VAL C 149 -1.00 8.48 -26.21
N HIS C 150 0.12 8.21 -26.87
CA HIS C 150 1.34 8.93 -26.48
C HIS C 150 1.08 10.37 -26.70
N GLN C 151 0.70 10.62 -27.94
CA GLN C 151 0.50 11.95 -28.43
C GLN C 151 -0.50 12.75 -27.56
N ARG C 152 -1.58 12.06 -27.20
CA ARG C 152 -2.61 12.69 -26.39
C ARG C 152 -2.06 13.08 -25.03
N LEU C 153 -1.13 12.28 -24.51
CA LEU C 153 -0.51 12.56 -23.22
C LEU C 153 0.41 13.77 -23.31
N LEU C 154 1.24 13.79 -24.35
CA LEU C 154 2.07 14.97 -24.63
C LEU C 154 1.20 16.22 -24.69
N GLY C 155 0.04 16.10 -25.33
CA GLY C 155 -0.93 17.18 -25.38
C GLY C 155 -1.34 17.70 -24.02
N LYS C 156 -1.70 16.81 -23.10
CA LYS C 156 -2.18 17.22 -21.79
C LYS C 156 -1.09 17.92 -20.98
N LEU C 157 0.15 17.54 -21.23
CA LEU C 157 1.26 18.07 -20.45
C LEU C 157 1.62 19.49 -20.86
N ARG C 158 1.47 19.79 -22.15
CA ARG C 158 1.71 21.14 -22.65
C ARG C 158 0.54 22.07 -22.35
#